data_3GBE
#
_entry.id   3GBE
#
_cell.length_a   60.900
_cell.length_b   80.400
_cell.length_c   135.830
_cell.angle_alpha   90.00
_cell.angle_beta   90.00
_cell.angle_gamma   90.00
#
_symmetry.space_group_name_H-M   'P 21 21 21'
#
loop_
_entity.id
_entity.type
_entity.pdbx_description
1 polymer 'Sucrose isomerase SmuA from Protaminobacter rubrum'
2 non-polymer 1,2-ETHANEDIOL
3 non-polymer 'CITRATE ANION'
4 non-polymer 1-DEOXYNOJIRIMYCIN
5 water water
#
_entity_poly.entity_id   1
_entity_poly.type   'polypeptide(L)'
_entity_poly.pdbx_seq_one_letter_code
;TIPKWWKEAVFYQVYPRSFKDTNGDGIGDINGIIEKLDYLKALGIDAIWINPHYDSPNTDNGYDIRDYRKIMKEYGTMED
FDRLISEMKKRNMRLMIDVVINHTSDQNEWFVKSKSSKDNPYRGYYFWKDAKEGQAPNNYPSFFGGSAWQKDEKTNQYYL
HYFAKQQPDLNWDNPKVRQDLYAMLRFWLDKGVSGLRFDTVATYSKIPDFPNLTQQQLKNFAAEYTKGPNIHRYVNEMNK
EVLSHYDIATAGEIFGVPLDQSIKFFDRRRDELNIAFTFDLIRLDRDSDQRWRRKDWKLSQFRQIIDNVDRTAGEYGWNA
FFLDNHDNPRAVSHFGDDRPQWREPSAKALATLTLTQRATPFIYQGSELGMTNYPFKAIDEFDDIEVKGFWHDYVETGKV
KADEFLQNVRLTSRDNSRTPFQWDGSKNAGFTSGKPWFKVNPNYQEINAVSQVTQPDSVFNYYRQLIKIRHDIPALTYGT
YTDLDPANDSVYAYTRSLGAEKYLVVVNFKEQMMRYKLPDNLSIEKVIIDSNSKNVVKKNDSLLELKPWQSGVYKLNQ
;
_entity_poly.pdbx_strand_id   A
#
# COMPACT_ATOMS: atom_id res chain seq x y z
N THR A 1 6.93 -22.48 -11.57
CA THR A 1 6.68 -22.09 -10.15
C THR A 1 7.91 -22.26 -9.28
N ILE A 2 8.55 -21.16 -8.92
CA ILE A 2 9.73 -21.23 -8.07
C ILE A 2 9.38 -20.72 -6.69
N PRO A 3 9.40 -21.62 -5.68
CA PRO A 3 9.05 -21.15 -4.33
C PRO A 3 10.04 -20.12 -3.81
N LYS A 4 9.52 -19.14 -3.08
CA LYS A 4 10.35 -18.09 -2.51
C LYS A 4 9.71 -17.70 -1.18
N TRP A 5 10.54 -17.33 -0.21
CA TRP A 5 10.02 -16.93 1.08
C TRP A 5 9.06 -15.76 0.95
N TRP A 6 9.34 -14.87 0.00
CA TRP A 6 8.49 -13.68 -0.16
C TRP A 6 7.16 -13.92 -0.88
N LYS A 7 6.98 -15.08 -1.50
CA LYS A 7 5.71 -15.39 -2.14
C LYS A 7 4.76 -16.01 -1.10
N GLU A 8 5.37 -16.76 -0.19
CA GLU A 8 4.65 -17.46 0.87
C GLU A 8 4.40 -16.63 2.11
N ALA A 9 5.15 -15.55 2.26
CA ALA A 9 5.02 -14.73 3.45
C ALA A 9 3.76 -13.87 3.53
N VAL A 10 3.32 -13.63 4.77
CA VAL A 10 2.19 -12.74 5.00
C VAL A 10 2.88 -11.53 5.56
N PHE A 11 2.80 -10.42 4.82
CA PHE A 11 3.42 -9.18 5.25
C PHE A 11 2.44 -8.32 6.03
N TYR A 12 2.98 -7.51 6.93
CA TYR A 12 2.21 -6.56 7.73
C TYR A 12 2.88 -5.20 7.50
N GLN A 13 2.10 -4.17 7.18
CA GLN A 13 2.66 -2.85 6.96
C GLN A 13 2.46 -1.97 8.18
N VAL A 14 3.57 -1.47 8.70
CA VAL A 14 3.56 -0.58 9.84
C VAL A 14 3.90 0.85 9.35
N TYR A 15 3.03 1.79 9.70
CA TYR A 15 3.21 3.22 9.39
C TYR A 15 3.73 3.68 10.76
N PRO A 16 5.08 3.73 10.94
CA PRO A 16 5.65 4.11 12.25
C PRO A 16 5.02 5.23 13.05
N ARG A 17 4.80 6.35 12.38
CA ARG A 17 4.22 7.54 12.98
C ARG A 17 2.91 7.27 13.72
N SER A 18 2.17 6.24 13.29
CA SER A 18 0.87 5.97 13.91
C SER A 18 0.71 4.58 14.47
N PHE A 19 1.82 3.88 14.73
CA PHE A 19 1.72 2.53 15.28
C PHE A 19 1.79 2.53 16.82
N LYS A 20 2.93 2.88 17.41
CA LYS A 20 3.02 2.88 18.88
C LYS A 20 4.07 3.87 19.38
N ASP A 21 3.63 4.82 20.21
CA ASP A 21 4.53 5.82 20.77
C ASP A 21 4.98 5.35 22.15
N THR A 22 6.28 5.40 22.40
CA THR A 22 6.83 4.98 23.69
C THR A 22 7.52 6.12 24.47
N ASN A 23 7.45 7.35 23.96
N ASN A 23 7.48 7.32 23.89
CA ASN A 23 8.08 8.45 24.66
CA ASN A 23 8.12 8.52 24.46
C ASN A 23 7.12 9.60 25.01
C ASN A 23 7.14 9.64 24.86
N GLY A 24 5.84 9.40 24.73
CA GLY A 24 4.86 10.42 25.07
C GLY A 24 4.80 11.70 24.23
N ASP A 25 5.47 11.74 23.09
CA ASP A 25 5.44 12.93 22.26
C ASP A 25 4.30 12.89 21.23
N GLY A 26 3.53 11.81 21.27
CA GLY A 26 2.39 11.66 20.37
C GLY A 26 2.72 11.07 19.01
N ILE A 27 3.97 10.69 18.81
CA ILE A 27 4.43 10.14 17.55
C ILE A 27 4.96 8.72 17.73
N GLY A 28 4.45 7.79 16.92
CA GLY A 28 4.92 6.42 16.99
C GLY A 28 6.40 6.32 16.67
N ASP A 29 7.06 5.31 17.24
CA ASP A 29 8.50 5.20 17.05
C ASP A 29 8.97 3.73 16.93
N ILE A 30 10.26 3.54 16.65
CA ILE A 30 10.83 2.21 16.47
C ILE A 30 10.74 1.36 17.73
N ASN A 31 10.96 1.97 18.90
CA ASN A 31 10.84 1.20 20.15
C ASN A 31 9.41 0.67 20.30
N GLY A 32 8.45 1.44 19.78
CA GLY A 32 7.06 1.03 19.84
C GLY A 32 6.83 -0.20 18.98
N ILE A 33 7.47 -0.23 17.82
CA ILE A 33 7.35 -1.41 16.93
C ILE A 33 7.95 -2.62 17.66
N ILE A 34 9.14 -2.41 18.23
CA ILE A 34 9.80 -3.51 18.95
C ILE A 34 8.93 -4.06 20.06
N GLU A 35 8.26 -3.16 20.77
CA GLU A 35 7.41 -3.52 21.88
C GLU A 35 6.26 -4.41 21.46
N LYS A 36 5.86 -4.27 20.19
CA LYS A 36 4.72 -5.00 19.67
C LYS A 36 5.03 -6.19 18.76
N LEU A 37 6.29 -6.60 18.69
CA LEU A 37 6.65 -7.73 17.85
C LEU A 37 5.97 -9.02 18.32
N ASP A 38 5.80 -9.20 19.62
CA ASP A 38 5.15 -10.43 20.08
C ASP A 38 3.69 -10.46 19.63
N TYR A 39 3.08 -9.28 19.58
CA TYR A 39 1.71 -9.13 19.12
C TYR A 39 1.65 -9.58 17.66
N LEU A 40 2.56 -9.06 16.84
CA LEU A 40 2.57 -9.42 15.44
C LEU A 40 2.92 -10.89 15.23
N LYS A 41 3.80 -11.45 16.06
N LYS A 41 3.80 -11.43 16.06
CA LYS A 41 4.16 -12.86 15.92
CA LYS A 41 4.15 -12.84 15.93
C LYS A 41 2.92 -13.71 16.26
C LYS A 41 2.94 -13.71 16.28
N ALA A 42 2.16 -13.27 17.26
CA ALA A 42 0.96 -14.01 17.66
C ALA A 42 -0.01 -14.00 16.49
N LEU A 43 -0.09 -12.87 15.81
N LEU A 43 -0.12 -12.87 15.81
CA LEU A 43 -0.99 -12.74 14.66
CA LEU A 43 -1.01 -12.78 14.66
C LEU A 43 -0.53 -13.75 13.58
C LEU A 43 -0.54 -13.76 13.57
N GLY A 44 0.78 -13.94 13.48
CA GLY A 44 1.33 -14.87 12.50
C GLY A 44 2.10 -14.23 11.36
N ILE A 45 2.42 -12.94 11.51
CA ILE A 45 3.15 -12.17 10.50
C ILE A 45 4.56 -12.69 10.23
N ASP A 46 4.93 -12.77 8.94
CA ASP A 46 6.25 -13.25 8.55
C ASP A 46 7.24 -12.15 8.23
N ALA A 47 6.72 -11.00 7.82
CA ALA A 47 7.59 -9.90 7.41
C ALA A 47 6.87 -8.60 7.68
N ILE A 48 7.63 -7.56 8.01
CA ILE A 48 7.03 -6.25 8.24
C ILE A 48 7.62 -5.27 7.23
N TRP A 49 6.76 -4.49 6.58
CA TRP A 49 7.26 -3.43 5.71
C TRP A 49 6.98 -2.12 6.49
N ILE A 50 8.03 -1.36 6.80
CA ILE A 50 7.81 -0.07 7.47
C ILE A 50 7.90 1.08 6.48
N ASN A 51 7.05 2.08 6.68
CA ASN A 51 7.10 3.26 5.82
C ASN A 51 8.42 3.96 6.14
N PRO A 52 8.78 5.02 5.40
CA PRO A 52 10.05 5.72 5.63
C PRO A 52 10.45 6.03 7.05
N HIS A 53 11.68 5.67 7.39
CA HIS A 53 12.19 5.85 8.75
C HIS A 53 13.42 6.74 8.81
N TYR A 54 13.67 7.50 7.73
CA TYR A 54 14.85 8.38 7.60
C TYR A 54 14.61 9.81 8.05
N ASP A 55 15.70 10.53 8.32
CA ASP A 55 15.63 11.93 8.72
C ASP A 55 14.79 12.68 7.67
N SER A 56 13.75 13.37 8.14
CA SER A 56 12.81 14.06 7.25
C SER A 56 12.07 15.19 7.95
N PRO A 57 11.78 16.31 7.24
CA PRO A 57 11.06 17.48 7.77
C PRO A 57 9.57 17.14 7.86
N ASN A 58 9.21 15.99 7.31
CA ASN A 58 7.85 15.50 7.30
C ASN A 58 6.78 16.30 6.58
N THR A 59 7.15 16.97 5.50
CA THR A 59 6.16 17.63 4.70
C THR A 59 5.24 16.53 4.16
N ASP A 60 5.83 15.37 3.85
CA ASP A 60 5.04 14.21 3.37
C ASP A 60 5.29 13.00 4.26
N ASN A 61 5.30 13.24 5.57
CA ASN A 61 5.48 12.20 6.58
C ASN A 61 6.52 11.13 6.26
N GLY A 62 7.74 11.56 6.01
CA GLY A 62 8.80 10.62 5.73
C GLY A 62 9.22 10.44 4.29
N TYR A 63 8.30 10.72 3.36
CA TYR A 63 8.61 10.56 1.95
C TYR A 63 9.41 11.74 1.36
N ASP A 64 9.79 12.69 2.23
CA ASP A 64 10.67 13.83 1.83
C ASP A 64 11.93 13.65 2.70
N ILE A 65 12.92 12.95 2.15
CA ILE A 65 14.10 12.61 2.92
C ILE A 65 15.23 13.63 2.93
N ARG A 66 15.58 14.07 4.15
CA ARG A 66 16.65 15.06 4.32
C ARG A 66 18.02 14.41 4.45
N ASP A 67 18.11 13.24 5.09
CA ASP A 67 19.39 12.53 5.21
C ASP A 67 19.12 11.02 5.16
N TYR A 68 19.51 10.37 4.07
CA TYR A 68 19.27 8.95 3.89
C TYR A 68 20.02 8.06 4.84
N ARG A 69 21.03 8.59 5.52
CA ARG A 69 21.80 7.74 6.41
C ARG A 69 21.54 7.97 7.89
N LYS A 70 20.47 8.68 8.20
CA LYS A 70 20.12 8.97 9.57
C LYS A 70 18.67 8.54 9.85
N ILE A 71 18.41 8.09 11.08
CA ILE A 71 17.07 7.69 11.48
C ILE A 71 16.26 8.95 11.79
N MET A 72 14.97 8.93 11.45
CA MET A 72 14.11 10.06 11.71
C MET A 72 14.16 10.33 13.20
N LYS A 73 14.42 11.59 13.57
CA LYS A 73 14.52 11.97 14.98
C LYS A 73 13.40 11.45 15.85
N GLU A 74 12.17 11.62 15.40
CA GLU A 74 11.00 11.18 16.15
C GLU A 74 10.92 9.66 16.29
N TYR A 75 11.58 8.92 15.43
CA TYR A 75 11.49 7.46 15.46
C TYR A 75 12.53 6.79 16.34
N GLY A 76 13.61 7.51 16.64
CA GLY A 76 14.63 6.93 17.50
C GLY A 76 16.04 7.07 16.99
N THR A 77 16.87 6.08 17.30
CA THR A 77 18.27 6.08 16.93
C THR A 77 18.66 4.92 16.03
N MET A 78 19.89 4.94 15.51
CA MET A 78 20.35 3.86 14.68
C MET A 78 20.41 2.58 15.52
N GLU A 79 20.76 2.72 16.81
CA GLU A 79 20.79 1.56 17.70
C GLU A 79 19.39 0.95 17.79
N ASP A 80 18.36 1.80 17.83
CA ASP A 80 16.97 1.33 17.91
C ASP A 80 16.66 0.51 16.67
N PHE A 81 17.07 1.04 15.52
CA PHE A 81 16.86 0.36 14.25
C PHE A 81 17.57 -1.00 14.20
N ASP A 82 18.82 -1.03 14.63
CA ASP A 82 19.54 -2.30 14.61
C ASP A 82 18.86 -3.29 15.57
N ARG A 83 18.30 -2.79 16.66
CA ARG A 83 17.65 -3.67 17.63
C ARG A 83 16.37 -4.25 17.02
N LEU A 84 15.66 -3.45 16.23
CA LEU A 84 14.45 -3.95 15.58
C LEU A 84 14.83 -5.11 14.68
N ILE A 85 15.89 -4.94 13.89
CA ILE A 85 16.33 -6.01 13.01
C ILE A 85 16.66 -7.26 13.81
N SER A 86 17.38 -7.08 14.91
CA SER A 86 17.76 -8.19 15.78
C SER A 86 16.57 -8.91 16.41
N GLU A 87 15.66 -8.13 17.00
CA GLU A 87 14.48 -8.69 17.65
C GLU A 87 13.57 -9.37 16.63
N MET A 88 13.51 -8.84 15.41
CA MET A 88 12.70 -9.48 14.38
C MET A 88 13.35 -10.81 13.97
N LYS A 89 14.66 -10.79 13.78
CA LYS A 89 15.35 -12.02 13.37
C LYS A 89 15.14 -13.14 14.39
N LYS A 90 15.13 -12.79 15.67
CA LYS A 90 14.96 -13.78 16.72
C LYS A 90 13.59 -14.41 16.63
N ARG A 91 12.66 -13.72 15.98
CA ARG A 91 11.31 -14.22 15.84
C ARG A 91 11.05 -14.71 14.41
N ASN A 92 12.14 -14.93 13.67
CA ASN A 92 12.07 -15.38 12.29
C ASN A 92 11.24 -14.43 11.43
N MET A 93 11.30 -13.13 11.72
CA MET A 93 10.55 -12.15 10.93
C MET A 93 11.55 -11.35 10.10
N ARG A 94 11.13 -10.94 8.89
CA ARG A 94 12.01 -10.19 8.00
C ARG A 94 11.52 -8.77 7.82
N LEU A 95 12.47 -7.82 7.76
CA LEU A 95 12.11 -6.39 7.60
C LEU A 95 12.30 -5.84 6.20
N MET A 96 11.25 -5.19 5.70
CA MET A 96 11.28 -4.53 4.39
C MET A 96 11.21 -3.02 4.68
N ILE A 97 12.11 -2.25 4.08
CA ILE A 97 12.10 -0.80 4.29
C ILE A 97 11.66 -0.12 3.01
N ASP A 98 11.24 1.14 3.16
CA ASP A 98 10.75 1.96 2.07
C ASP A 98 11.94 2.72 1.47
N VAL A 99 12.10 2.62 0.16
CA VAL A 99 13.18 3.28 -0.56
C VAL A 99 12.56 4.38 -1.39
N VAL A 100 12.90 5.63 -1.06
CA VAL A 100 12.31 6.79 -1.72
C VAL A 100 13.45 7.48 -2.47
N ILE A 101 13.63 7.09 -3.73
CA ILE A 101 14.72 7.65 -4.51
C ILE A 101 14.31 8.30 -5.82
N ASN A 102 13.03 8.61 -5.94
CA ASN A 102 12.56 9.34 -7.12
C ASN A 102 12.83 10.82 -6.82
N HIS A 103 12.82 11.17 -5.54
CA HIS A 103 12.99 12.55 -5.07
C HIS A 103 13.56 12.59 -3.65
N THR A 104 14.04 13.77 -3.24
CA THR A 104 14.56 13.95 -1.90
C THR A 104 13.83 15.16 -1.30
N SER A 105 14.13 15.47 -0.05
CA SER A 105 13.58 16.66 0.61
C SER A 105 14.33 17.84 -0.01
N ASP A 106 13.73 19.04 0.00
CA ASP A 106 14.47 20.19 -0.51
C ASP A 106 15.48 20.62 0.53
N GLN A 107 15.56 19.89 1.63
CA GLN A 107 16.52 20.18 2.70
C GLN A 107 17.68 19.18 2.66
N ASN A 108 17.59 18.24 1.73
CA ASN A 108 18.61 17.23 1.58
C ASN A 108 19.88 17.97 1.15
N GLU A 109 21.03 17.56 1.67
CA GLU A 109 22.29 18.21 1.32
C GLU A 109 22.50 18.36 -0.17
N TRP A 110 22.14 17.34 -0.94
CA TRP A 110 22.33 17.42 -2.37
C TRP A 110 21.53 18.57 -2.99
N PHE A 111 20.31 18.79 -2.52
CA PHE A 111 19.50 19.85 -3.09
C PHE A 111 19.94 21.24 -2.59
N VAL A 112 20.37 21.29 -1.34
CA VAL A 112 20.86 22.56 -0.80
C VAL A 112 22.03 23.03 -1.69
N LYS A 113 22.89 22.09 -2.09
CA LYS A 113 24.01 22.48 -2.94
C LYS A 113 23.53 22.75 -4.36
N SER A 114 22.68 21.87 -4.89
CA SER A 114 22.17 22.02 -6.24
C SER A 114 21.56 23.39 -6.50
N LYS A 115 20.73 23.86 -5.56
CA LYS A 115 20.04 25.13 -5.74
C LYS A 115 20.90 26.35 -5.53
N SER A 116 22.09 26.17 -4.93
CA SER A 116 22.94 27.31 -4.60
C SER A 116 23.50 28.11 -5.77
N SER A 117 23.73 27.46 -6.91
CA SER A 117 24.24 28.15 -8.09
C SER A 117 24.19 27.21 -9.30
N LYS A 118 24.12 27.77 -10.50
CA LYS A 118 24.07 26.98 -11.72
C LYS A 118 25.34 26.20 -11.97
N ASP A 119 26.43 26.61 -11.33
CA ASP A 119 27.70 25.93 -11.53
C ASP A 119 28.05 24.97 -10.40
N ASN A 120 27.16 24.81 -9.42
CA ASN A 120 27.47 23.90 -8.32
C ASN A 120 27.62 22.48 -8.87
N PRO A 121 28.56 21.70 -8.32
CA PRO A 121 28.78 20.32 -8.78
C PRO A 121 27.50 19.48 -8.72
N TYR A 122 26.61 19.86 -7.81
CA TYR A 122 25.35 19.11 -7.65
C TYR A 122 24.18 19.71 -8.43
N ARG A 123 24.44 20.72 -9.26
CA ARG A 123 23.33 21.31 -10.00
C ARG A 123 22.55 20.24 -10.76
N GLY A 124 23.29 19.35 -11.42
CA GLY A 124 22.68 18.30 -12.22
C GLY A 124 22.14 17.10 -11.44
N TYR A 125 22.02 17.21 -10.13
CA TYR A 125 21.44 16.09 -9.36
C TYR A 125 19.93 16.20 -9.42
N TYR A 126 19.45 17.35 -9.89
CA TYR A 126 18.01 17.61 -10.03
C TYR A 126 17.74 18.20 -11.44
N PHE A 127 16.47 18.52 -11.72
CA PHE A 127 16.10 19.05 -13.02
C PHE A 127 15.79 20.52 -12.95
N TRP A 128 16.67 21.33 -13.54
CA TRP A 128 16.54 22.77 -13.57
C TRP A 128 16.29 23.23 -15.00
N LYS A 129 15.30 24.10 -15.19
CA LYS A 129 15.01 24.59 -16.53
C LYS A 129 14.58 26.05 -16.56
N ASP A 130 14.84 26.72 -17.67
CA ASP A 130 14.44 28.12 -17.79
C ASP A 130 12.94 28.24 -18.00
N ALA A 131 12.42 29.41 -17.70
CA ALA A 131 11.01 29.69 -17.92
C ALA A 131 10.78 29.64 -19.45
N LYS A 132 9.55 29.38 -19.85
CA LYS A 132 9.18 29.36 -21.26
C LYS A 132 8.23 30.56 -21.34
N GLU A 133 8.70 31.63 -21.97
CA GLU A 133 7.88 32.84 -22.08
C GLU A 133 7.46 33.36 -20.69
N GLY A 134 8.41 33.39 -19.76
CA GLY A 134 8.14 33.88 -18.42
C GLY A 134 7.24 32.99 -17.59
N GLN A 135 6.94 31.81 -18.10
CA GLN A 135 6.08 30.86 -17.41
C GLN A 135 6.83 29.57 -17.11
N ALA A 136 6.16 28.65 -16.42
CA ALA A 136 6.80 27.37 -16.11
C ALA A 136 7.23 26.70 -17.41
N PRO A 137 8.30 25.89 -17.36
CA PRO A 137 8.84 25.18 -18.53
C PRO A 137 7.77 24.46 -19.38
N ASN A 138 6.80 23.85 -18.73
CA ASN A 138 5.72 23.21 -19.44
C ASN A 138 4.50 23.10 -18.54
N ASN A 139 3.45 22.41 -19.01
CA ASN A 139 2.21 22.31 -18.26
C ASN A 139 2.10 21.12 -17.30
N TYR A 140 3.25 20.55 -16.92
CA TYR A 140 3.22 19.41 -16.00
C TYR A 140 2.55 19.73 -14.68
N PRO A 141 1.58 18.89 -14.25
CA PRO A 141 0.93 19.17 -12.95
C PRO A 141 1.60 18.31 -11.88
N SER A 142 1.50 18.74 -10.62
CA SER A 142 2.04 17.97 -9.51
C SER A 142 0.95 17.09 -8.93
N PHE A 143 1.31 15.94 -8.39
CA PHE A 143 0.32 15.06 -7.75
C PHE A 143 -0.26 15.75 -6.50
N PHE A 144 0.50 16.68 -5.93
CA PHE A 144 0.06 17.34 -4.70
C PHE A 144 -0.44 18.76 -4.89
N GLY A 145 -0.80 19.06 -6.13
CA GLY A 145 -1.40 20.36 -6.41
C GLY A 145 -0.55 21.34 -7.19
N GLY A 146 -1.22 22.07 -8.08
CA GLY A 146 -0.49 23.05 -8.85
C GLY A 146 0.49 22.49 -9.86
N SER A 147 1.42 23.35 -10.24
CA SER A 147 2.46 23.01 -11.21
C SER A 147 3.56 22.13 -10.62
N ALA A 148 4.12 21.26 -11.45
CA ALA A 148 5.23 20.40 -11.04
C ALA A 148 6.55 21.17 -11.16
N TRP A 149 6.47 22.46 -11.47
CA TRP A 149 7.69 23.29 -11.60
C TRP A 149 7.69 24.41 -10.55
N GLN A 150 8.77 24.53 -9.78
CA GLN A 150 8.87 25.55 -8.74
C GLN A 150 9.97 26.55 -9.10
N LYS A 151 9.61 27.83 -9.16
CA LYS A 151 10.59 28.86 -9.51
C LYS A 151 11.56 29.15 -8.36
N ASP A 152 12.85 29.27 -8.69
CA ASP A 152 13.85 29.63 -7.69
C ASP A 152 14.39 30.97 -8.19
N GLU A 153 14.09 32.05 -7.47
CA GLU A 153 14.53 33.37 -7.92
C GLU A 153 16.04 33.57 -7.89
N LYS A 154 16.73 32.82 -7.03
CA LYS A 154 18.17 33.00 -6.93
C LYS A 154 18.90 32.67 -8.23
N THR A 155 18.51 31.59 -8.90
CA THR A 155 19.16 31.20 -10.15
C THR A 155 18.31 31.42 -11.39
N ASN A 156 17.11 31.97 -11.19
CA ASN A 156 16.19 32.27 -12.26
C ASN A 156 15.87 31.03 -13.11
N GLN A 157 15.60 29.91 -12.44
CA GLN A 157 15.23 28.70 -13.14
C GLN A 157 14.21 27.96 -12.27
N TYR A 158 13.51 27.00 -12.85
CA TYR A 158 12.50 26.21 -12.11
C TYR A 158 13.03 24.81 -11.93
N TYR A 159 12.67 24.16 -10.81
CA TYR A 159 13.09 22.77 -10.61
C TYR A 159 11.84 21.92 -10.63
N LEU A 160 12.03 20.66 -11.01
CA LEU A 160 10.93 19.71 -11.14
C LEU A 160 10.57 18.99 -9.86
N HIS A 161 9.27 18.91 -9.57
CA HIS A 161 8.80 18.15 -8.41
C HIS A 161 7.44 17.51 -8.79
N TYR A 162 7.43 16.22 -9.08
CA TYR A 162 6.17 15.54 -9.39
C TYR A 162 5.29 15.60 -8.13
N PHE A 163 5.93 15.51 -6.96
CA PHE A 163 5.16 15.55 -5.72
C PHE A 163 5.18 16.94 -5.06
N ALA A 164 5.45 17.07 -3.76
CA ALA A 164 5.42 18.42 -3.16
C ALA A 164 6.57 19.31 -3.63
N LYS A 165 6.43 20.62 -3.50
CA LYS A 165 7.54 21.49 -3.89
C LYS A 165 8.76 21.14 -3.01
N GLN A 166 8.50 20.57 -1.83
CA GLN A 166 9.58 20.17 -0.93
C GLN A 166 10.14 18.78 -1.30
N GLN A 167 9.73 18.23 -2.44
CA GLN A 167 10.19 16.93 -2.91
C GLN A 167 10.77 17.01 -4.32
N PRO A 168 11.89 17.73 -4.50
CA PRO A 168 12.47 17.84 -5.84
C PRO A 168 12.92 16.47 -6.39
N ASP A 169 12.65 16.22 -7.67
CA ASP A 169 12.99 14.94 -8.29
C ASP A 169 14.46 14.81 -8.60
N LEU A 170 15.01 13.64 -8.31
CA LEU A 170 16.41 13.38 -8.61
C LEU A 170 16.61 13.08 -10.10
N ASN A 171 17.76 13.51 -10.63
CA ASN A 171 18.06 13.30 -12.04
C ASN A 171 18.80 11.99 -12.25
N TRP A 172 18.02 10.94 -12.50
CA TRP A 172 18.59 9.61 -12.73
C TRP A 172 19.40 9.51 -14.02
N ASP A 173 19.27 10.49 -14.91
CA ASP A 173 20.03 10.46 -16.15
C ASP A 173 21.49 10.77 -15.83
N ASN A 174 21.75 11.27 -14.61
CA ASN A 174 23.12 11.60 -14.18
C ASN A 174 23.72 10.36 -13.51
N PRO A 175 24.72 9.73 -14.13
CA PRO A 175 25.34 8.53 -13.55
C PRO A 175 25.81 8.69 -12.10
N LYS A 176 26.26 9.89 -11.75
CA LYS A 176 26.73 10.15 -10.39
C LYS A 176 25.59 10.01 -9.39
N VAL A 177 24.39 10.39 -9.80
CA VAL A 177 23.23 10.26 -8.93
C VAL A 177 22.96 8.78 -8.68
N ARG A 178 22.90 8.02 -9.76
CA ARG A 178 22.65 6.60 -9.65
C ARG A 178 23.68 5.92 -8.76
N GLN A 179 24.95 6.28 -8.96
CA GLN A 179 25.99 5.65 -8.14
C GLN A 179 25.84 6.01 -6.68
N ASP A 180 25.49 7.26 -6.38
CA ASP A 180 25.31 7.63 -4.98
C ASP A 180 24.09 6.90 -4.41
N LEU A 181 23.04 6.75 -5.20
CA LEU A 181 21.87 6.04 -4.68
C LEU A 181 22.18 4.57 -4.38
N TYR A 182 22.94 3.94 -5.27
CA TYR A 182 23.29 2.54 -5.05
C TYR A 182 24.13 2.40 -3.79
N ALA A 183 25.04 3.33 -3.57
CA ALA A 183 25.85 3.26 -2.37
C ALA A 183 24.96 3.39 -1.14
N MET A 184 23.94 4.24 -1.23
CA MET A 184 23.03 4.43 -0.11
C MET A 184 22.26 3.13 0.18
N LEU A 185 21.82 2.47 -0.88
CA LEU A 185 21.08 1.22 -0.72
C LEU A 185 21.95 0.19 -0.01
N ARG A 186 23.23 0.11 -0.38
CA ARG A 186 24.12 -0.85 0.27
C ARG A 186 24.27 -0.57 1.77
N PHE A 187 24.29 0.70 2.14
CA PHE A 187 24.40 1.08 3.53
C PHE A 187 23.28 0.41 4.33
N TRP A 188 22.07 0.44 3.79
CA TRP A 188 20.96 -0.17 4.51
C TRP A 188 20.91 -1.69 4.36
N LEU A 189 21.19 -2.19 3.17
CA LEU A 189 21.15 -3.62 2.94
C LEU A 189 22.21 -4.33 3.77
N ASP A 190 23.34 -3.68 4.00
CA ASP A 190 24.37 -4.37 4.77
C ASP A 190 24.02 -4.45 6.25
N LYS A 191 22.95 -3.76 6.67
CA LYS A 191 22.50 -3.81 8.06
C LYS A 191 21.59 -5.01 8.26
N GLY A 192 21.36 -5.76 7.20
CA GLY A 192 20.53 -6.94 7.33
C GLY A 192 19.07 -6.83 6.95
N VAL A 193 18.71 -5.77 6.22
N VAL A 193 18.68 -5.75 6.27
CA VAL A 193 17.34 -5.58 5.77
CA VAL A 193 17.27 -5.63 5.87
C VAL A 193 17.00 -6.68 4.75
C VAL A 193 17.00 -6.70 4.81
N SER A 194 15.81 -7.28 4.87
CA SER A 194 15.40 -8.35 3.97
C SER A 194 14.57 -7.96 2.79
N GLY A 195 14.13 -6.71 2.75
CA GLY A 195 13.32 -6.32 1.62
C GLY A 195 13.34 -4.82 1.38
N LEU A 196 13.04 -4.44 0.14
CA LEU A 196 12.98 -3.03 -0.25
C LEU A 196 11.66 -2.80 -0.98
N ARG A 197 10.95 -1.74 -0.61
CA ARG A 197 9.70 -1.37 -1.31
C ARG A 197 10.07 -0.06 -1.99
N PHE A 198 10.07 -0.04 -3.33
CA PHE A 198 10.46 1.16 -4.06
C PHE A 198 9.31 2.10 -4.34
N ASP A 199 9.36 3.27 -3.70
CA ASP A 199 8.36 4.31 -3.84
C ASP A 199 8.36 4.91 -5.26
N THR A 200 7.16 5.01 -5.87
CA THR A 200 6.97 5.52 -7.25
C THR A 200 8.14 5.12 -8.15
N VAL A 201 8.38 3.82 -8.17
CA VAL A 201 9.54 3.29 -8.91
C VAL A 201 9.50 3.53 -10.41
N ALA A 202 8.31 3.69 -10.99
CA ALA A 202 8.21 3.87 -12.44
C ALA A 202 8.44 5.29 -12.96
N THR A 203 8.68 6.25 -12.07
CA THR A 203 8.86 7.61 -12.54
C THR A 203 10.31 8.13 -12.56
N TYR A 204 11.28 7.25 -12.28
CA TYR A 204 12.69 7.69 -12.23
C TYR A 204 13.20 8.29 -13.53
N SER A 205 12.68 7.80 -14.65
CA SER A 205 13.11 8.27 -15.97
C SER A 205 12.21 9.37 -16.49
N LYS A 206 12.78 10.56 -16.71
CA LYS A 206 12.00 11.68 -17.20
C LYS A 206 11.93 11.70 -18.74
N ILE A 207 10.93 12.38 -19.28
CA ILE A 207 10.71 12.45 -20.72
C ILE A 207 11.68 13.46 -21.35
N PRO A 208 12.49 13.02 -22.32
CA PRO A 208 13.45 13.90 -22.99
C PRO A 208 12.85 15.21 -23.48
N ASP A 209 13.50 16.31 -23.13
CA ASP A 209 13.08 17.64 -23.54
C ASP A 209 11.81 18.18 -22.89
N PHE A 210 11.25 17.44 -21.93
CA PHE A 210 10.05 17.89 -21.24
C PHE A 210 8.95 18.57 -22.09
N PRO A 211 8.46 17.91 -23.14
CA PRO A 211 7.40 18.57 -23.93
C PRO A 211 6.08 18.66 -23.17
N ASN A 212 5.24 19.61 -23.56
CA ASN A 212 3.93 19.77 -22.91
C ASN A 212 3.12 18.50 -23.08
N LEU A 213 2.21 18.27 -22.15
CA LEU A 213 1.33 17.12 -22.23
C LEU A 213 0.13 17.59 -23.05
N THR A 214 -0.47 16.69 -23.81
CA THR A 214 -1.65 17.05 -24.58
C THR A 214 -2.81 17.20 -23.60
N GLN A 215 -3.92 17.74 -24.07
CA GLN A 215 -5.10 17.91 -23.23
C GLN A 215 -5.54 16.56 -22.68
N GLN A 216 -5.45 15.53 -23.52
CA GLN A 216 -5.84 14.19 -23.12
C GLN A 216 -4.89 13.64 -22.07
N GLN A 217 -3.59 13.77 -22.33
CA GLN A 217 -2.59 13.29 -21.40
C GLN A 217 -2.69 13.91 -20.03
N LEU A 218 -3.16 15.16 -20.00
CA LEU A 218 -3.31 15.89 -18.75
C LEU A 218 -4.37 15.22 -17.88
N LYS A 219 -5.33 14.53 -18.51
CA LYS A 219 -6.37 13.84 -17.76
C LYS A 219 -5.86 12.59 -17.03
N ASN A 220 -4.66 12.13 -17.37
CA ASN A 220 -4.04 10.99 -16.67
C ASN A 220 -2.54 11.17 -16.83
N PHE A 221 -2.04 12.24 -16.24
CA PHE A 221 -0.63 12.56 -16.32
C PHE A 221 0.23 11.54 -15.59
N ALA A 222 -0.34 10.87 -14.59
CA ALA A 222 0.43 9.88 -13.84
C ALA A 222 0.96 8.81 -14.77
N ALA A 223 0.14 8.41 -15.75
CA ALA A 223 0.56 7.41 -16.71
C ALA A 223 1.67 7.98 -17.59
N GLU A 224 1.59 9.27 -17.91
CA GLU A 224 2.64 9.85 -18.74
C GLU A 224 4.00 9.88 -18.04
N TYR A 225 4.01 10.08 -16.72
CA TYR A 225 5.25 10.13 -15.97
C TYR A 225 5.95 8.77 -15.79
N THR A 226 5.27 7.69 -16.19
CA THR A 226 5.86 6.36 -16.07
C THR A 226 6.41 5.91 -17.43
N LYS A 227 6.30 6.77 -18.43
CA LYS A 227 6.77 6.42 -19.77
C LYS A 227 8.19 6.84 -20.12
N GLY A 228 9.04 7.04 -19.11
CA GLY A 228 10.42 7.43 -19.37
C GLY A 228 11.14 6.40 -20.22
N PRO A 229 11.94 6.84 -21.19
CA PRO A 229 12.66 5.92 -22.08
C PRO A 229 13.77 5.06 -21.49
N ASN A 230 14.14 5.33 -20.24
CA ASN A 230 15.23 4.59 -19.60
C ASN A 230 14.83 3.95 -18.29
N ILE A 231 13.52 3.87 -18.00
CA ILE A 231 13.12 3.32 -16.71
C ILE A 231 13.57 1.88 -16.47
N HIS A 232 13.37 1.00 -17.44
CA HIS A 232 13.77 -0.38 -17.25
C HIS A 232 15.27 -0.53 -17.28
N ARG A 233 15.92 0.29 -18.10
CA ARG A 233 17.38 0.25 -18.14
C ARG A 233 17.90 0.58 -16.73
N TYR A 234 17.31 1.59 -16.10
CA TYR A 234 17.74 1.99 -14.76
C TYR A 234 17.39 0.99 -13.66
N VAL A 235 16.18 0.44 -13.70
CA VAL A 235 15.79 -0.54 -12.67
C VAL A 235 16.65 -1.78 -12.83
N ASN A 236 16.89 -2.21 -14.06
CA ASN A 236 17.75 -3.38 -14.29
C ASN A 236 19.19 -3.08 -13.89
N GLU A 237 19.68 -1.87 -14.16
CA GLU A 237 21.05 -1.54 -13.75
C GLU A 237 21.16 -1.60 -12.22
N MET A 238 20.11 -1.12 -11.52
CA MET A 238 20.11 -1.16 -10.08
C MET A 238 20.11 -2.63 -9.61
N ASN A 239 19.44 -3.50 -10.35
CA ASN A 239 19.37 -4.91 -10.00
C ASN A 239 20.79 -5.50 -10.13
N LYS A 240 21.42 -5.21 -11.26
CA LYS A 240 22.78 -5.72 -11.51
C LYS A 240 23.83 -5.22 -10.53
N GLU A 241 23.80 -3.94 -10.19
CA GLU A 241 24.82 -3.42 -9.28
C GLU A 241 24.54 -3.56 -7.79
N VAL A 242 23.28 -3.79 -7.43
CA VAL A 242 22.89 -3.91 -6.04
C VAL A 242 21.99 -5.05 -5.67
N LEU A 243 20.78 -5.04 -6.21
CA LEU A 243 19.77 -6.01 -5.83
C LEU A 243 20.15 -7.47 -5.94
N SER A 244 20.79 -7.83 -7.04
CA SER A 244 21.16 -9.22 -7.28
C SER A 244 22.27 -9.75 -6.37
N HIS A 245 22.81 -8.89 -5.53
CA HIS A 245 23.89 -9.28 -4.62
C HIS A 245 23.40 -9.65 -3.23
N TYR A 246 22.08 -9.66 -3.04
CA TYR A 246 21.48 -9.98 -1.76
C TYR A 246 20.27 -10.89 -1.93
N ASP A 247 19.92 -11.62 -0.88
CA ASP A 247 18.73 -12.46 -1.00
C ASP A 247 17.67 -11.58 -0.35
N ILE A 248 17.05 -10.74 -1.17
CA ILE A 248 16.03 -9.84 -0.66
C ILE A 248 14.80 -9.88 -1.52
N ALA A 249 13.73 -9.30 -1.00
CA ALA A 249 12.47 -9.23 -1.74
C ALA A 249 12.34 -7.77 -2.11
N THR A 250 12.04 -7.49 -3.39
CA THR A 250 11.84 -6.10 -3.77
C THR A 250 10.45 -5.91 -4.31
N ALA A 251 9.79 -4.87 -3.80
CA ALA A 251 8.44 -4.57 -4.24
C ALA A 251 8.49 -3.26 -5.02
N GLY A 252 7.68 -3.16 -6.06
CA GLY A 252 7.66 -1.94 -6.85
C GLY A 252 6.30 -1.27 -6.81
N GLU A 253 6.25 -0.05 -6.25
CA GLU A 253 5.00 0.69 -6.20
C GLU A 253 4.88 1.34 -7.57
N ILE A 254 4.07 0.75 -8.45
CA ILE A 254 3.95 1.29 -9.81
C ILE A 254 2.66 2.04 -10.08
N PHE A 255 2.41 3.06 -9.29
CA PHE A 255 1.22 3.84 -9.49
C PHE A 255 1.33 4.55 -10.83
N GLY A 256 0.23 4.52 -11.58
CA GLY A 256 0.16 5.16 -12.88
C GLY A 256 0.51 4.26 -14.05
N VAL A 257 1.21 3.15 -13.78
CA VAL A 257 1.60 2.24 -14.87
C VAL A 257 0.43 1.40 -15.37
N PRO A 258 0.13 1.45 -16.69
CA PRO A 258 -0.98 0.65 -17.22
C PRO A 258 -0.71 -0.81 -16.89
N LEU A 259 -1.74 -1.55 -16.53
CA LEU A 259 -1.53 -2.93 -16.15
C LEU A 259 -0.75 -3.74 -17.19
N ASP A 260 -1.05 -3.52 -18.47
CA ASP A 260 -0.38 -4.23 -19.56
C ASP A 260 1.14 -4.06 -19.55
N GLN A 261 1.63 -2.94 -19.02
CA GLN A 261 3.07 -2.66 -18.97
C GLN A 261 3.74 -3.05 -17.66
N SER A 262 2.94 -3.36 -16.66
CA SER A 262 3.49 -3.71 -15.35
C SER A 262 4.46 -4.91 -15.35
N ILE A 263 4.19 -5.90 -16.20
CA ILE A 263 4.99 -7.12 -16.21
C ILE A 263 6.48 -6.87 -16.52
N LYS A 264 6.77 -5.81 -17.26
CA LYS A 264 8.18 -5.52 -17.55
C LYS A 264 8.98 -5.24 -16.27
N PHE A 265 8.31 -4.85 -15.19
CA PHE A 265 9.03 -4.61 -13.96
C PHE A 265 9.19 -5.85 -13.09
N PHE A 266 8.35 -6.85 -13.28
CA PHE A 266 8.37 -7.99 -12.38
C PHE A 266 8.60 -9.38 -12.94
N ASP A 267 8.67 -9.47 -14.26
CA ASP A 267 8.94 -10.75 -14.93
C ASP A 267 10.30 -11.19 -14.37
N ARG A 268 10.38 -12.35 -13.73
CA ARG A 268 11.65 -12.78 -13.12
C ARG A 268 12.81 -12.87 -14.10
N ARG A 269 12.49 -13.12 -15.36
CA ARG A 269 13.51 -13.23 -16.41
C ARG A 269 14.15 -11.89 -16.77
N ARG A 270 13.52 -10.80 -16.35
CA ARG A 270 14.03 -9.47 -16.67
C ARG A 270 15.01 -8.87 -15.69
N ASP A 271 15.22 -9.54 -14.55
CA ASP A 271 16.14 -9.04 -13.54
C ASP A 271 15.86 -7.61 -13.16
N GLU A 272 14.62 -7.36 -12.75
CA GLU A 272 14.25 -6.03 -12.28
C GLU A 272 13.74 -6.17 -10.84
N LEU A 273 12.43 -6.18 -10.64
CA LEU A 273 11.92 -6.31 -9.26
C LEU A 273 11.16 -7.62 -9.07
N ASN A 274 10.77 -7.90 -7.83
CA ASN A 274 10.09 -9.16 -7.50
C ASN A 274 8.57 -9.16 -7.34
N ILE A 275 8.07 -8.18 -6.60
CA ILE A 275 6.67 -8.12 -6.23
C ILE A 275 5.98 -6.90 -6.77
N ALA A 276 4.92 -7.11 -7.53
CA ALA A 276 4.17 -6.01 -8.11
C ALA A 276 3.14 -5.40 -7.16
N PHE A 277 3.23 -4.08 -6.96
CA PHE A 277 2.20 -3.37 -6.21
C PHE A 277 1.41 -2.66 -7.31
N THR A 278 0.36 -3.30 -7.84
CA THR A 278 -0.46 -2.65 -8.86
C THR A 278 -1.60 -1.97 -8.11
N PHE A 279 -2.19 -0.97 -8.73
CA PHE A 279 -3.25 -0.23 -8.06
C PHE A 279 -4.60 -0.25 -8.75
N ASP A 280 -4.71 -1.09 -9.78
CA ASP A 280 -5.95 -1.20 -10.51
C ASP A 280 -7.12 -1.56 -9.61
N LEU A 281 -6.92 -2.50 -8.69
CA LEU A 281 -8.00 -2.88 -7.81
C LEU A 281 -8.35 -1.82 -6.77
N ILE A 282 -7.34 -1.36 -6.07
CA ILE A 282 -7.60 -0.42 -4.97
C ILE A 282 -8.14 0.91 -5.44
N ARG A 283 -7.90 1.26 -6.69
CA ARG A 283 -8.42 2.51 -7.23
C ARG A 283 -9.55 2.26 -8.26
N LEU A 284 -10.22 1.11 -8.18
CA LEU A 284 -11.25 0.82 -9.16
C LEU A 284 -12.39 1.83 -9.18
N ASP A 285 -12.66 2.41 -8.02
CA ASP A 285 -13.76 3.35 -7.89
C ASP A 285 -13.32 4.78 -7.76
N ARG A 286 -12.17 5.08 -8.33
CA ARG A 286 -11.63 6.42 -8.28
C ARG A 286 -11.63 7.03 -9.67
N ASP A 287 -11.85 8.33 -9.74
CA ASP A 287 -11.84 9.05 -11.02
C ASP A 287 -10.35 9.22 -11.36
N SER A 288 -9.96 8.89 -12.59
CA SER A 288 -8.54 9.00 -12.94
C SER A 288 -8.09 10.42 -13.19
N ASP A 289 -9.04 11.33 -13.47
CA ASP A 289 -8.71 12.73 -13.73
C ASP A 289 -8.82 13.55 -12.42
N GLN A 290 -9.97 13.49 -11.76
CA GLN A 290 -10.17 14.18 -10.47
C GLN A 290 -9.95 13.03 -9.49
N ARG A 291 -8.68 12.80 -9.17
N ARG A 291 -8.69 12.72 -9.20
CA ARG A 291 -8.19 11.71 -8.31
CA ARG A 291 -8.35 11.57 -8.36
C ARG A 291 -8.65 11.64 -6.86
C ARG A 291 -8.92 11.49 -6.95
N TRP A 292 -9.48 12.59 -6.45
CA TRP A 292 -10.02 12.61 -5.09
C TRP A 292 -11.48 12.13 -5.08
N ARG A 293 -12.09 12.11 -6.26
CA ARG A 293 -13.50 11.75 -6.41
C ARG A 293 -13.72 10.26 -6.54
N ARG A 294 -14.73 9.75 -5.85
CA ARG A 294 -15.02 8.33 -5.96
C ARG A 294 -16.31 8.13 -6.76
N LYS A 295 -16.50 6.91 -7.24
CA LYS A 295 -17.67 6.58 -8.01
C LYS A 295 -18.18 5.20 -7.57
N ASP A 296 -19.38 4.85 -7.99
CA ASP A 296 -19.90 3.55 -7.58
C ASP A 296 -19.17 2.42 -8.31
N TRP A 297 -19.12 1.26 -7.70
CA TRP A 297 -18.47 0.10 -8.33
C TRP A 297 -19.32 -1.13 -8.02
N LYS A 298 -19.08 -2.19 -8.79
CA LYS A 298 -19.80 -3.45 -8.62
C LYS A 298 -18.80 -4.58 -8.43
N LEU A 299 -19.26 -5.67 -7.83
CA LEU A 299 -18.38 -6.81 -7.59
C LEU A 299 -17.83 -7.36 -8.89
N SER A 300 -18.59 -7.32 -9.98
CA SER A 300 -18.07 -7.84 -11.23
C SER A 300 -16.83 -7.08 -11.66
N GLN A 301 -16.82 -5.77 -11.44
N GLN A 301 -16.82 -5.77 -11.45
CA GLN A 301 -15.65 -4.98 -11.82
CA GLN A 301 -15.65 -4.97 -11.82
C GLN A 301 -14.46 -5.33 -10.95
C GLN A 301 -14.47 -5.37 -10.94
N PHE A 302 -14.74 -5.49 -9.65
CA PHE A 302 -13.72 -5.83 -8.66
C PHE A 302 -13.04 -7.15 -9.03
N ARG A 303 -13.85 -8.18 -9.27
CA ARG A 303 -13.26 -9.49 -9.57
C ARG A 303 -12.63 -9.54 -10.96
N GLN A 304 -13.18 -8.80 -11.91
CA GLN A 304 -12.59 -8.78 -13.25
C GLN A 304 -11.20 -8.16 -13.21
N ILE A 305 -11.02 -7.14 -12.37
CA ILE A 305 -9.70 -6.54 -12.22
C ILE A 305 -8.75 -7.57 -11.60
N ILE A 306 -9.19 -8.27 -10.57
CA ILE A 306 -8.34 -9.28 -9.95
C ILE A 306 -7.91 -10.32 -10.98
N ASP A 307 -8.85 -10.77 -11.80
CA ASP A 307 -8.51 -11.78 -12.80
C ASP A 307 -7.48 -11.23 -13.78
N ASN A 308 -7.64 -9.98 -14.22
CA ASN A 308 -6.69 -9.34 -15.15
C ASN A 308 -5.32 -9.19 -14.52
N VAL A 309 -5.30 -8.78 -13.25
CA VAL A 309 -4.04 -8.64 -12.54
C VAL A 309 -3.36 -10.00 -12.40
N ASP A 310 -4.16 -11.03 -12.12
CA ASP A 310 -3.59 -12.38 -11.97
C ASP A 310 -3.00 -12.87 -13.30
N ARG A 311 -3.76 -12.70 -14.37
CA ARG A 311 -3.32 -13.15 -15.71
C ARG A 311 -2.09 -12.35 -16.17
N THR A 312 -2.03 -11.07 -15.82
CA THR A 312 -0.91 -10.28 -16.25
C THR A 312 0.40 -10.75 -15.58
N ALA A 313 0.35 -11.17 -14.32
CA ALA A 313 1.55 -11.68 -13.66
C ALA A 313 1.93 -12.99 -14.35
N GLY A 314 0.91 -13.77 -14.68
CA GLY A 314 1.11 -15.01 -15.39
C GLY A 314 2.10 -15.95 -14.75
N GLU A 315 2.89 -16.63 -15.56
CA GLU A 315 3.88 -17.58 -15.05
C GLU A 315 5.16 -16.96 -14.50
N TYR A 316 5.57 -15.81 -15.02
CA TYR A 316 6.83 -15.22 -14.62
C TYR A 316 6.85 -14.02 -13.67
N GLY A 317 5.72 -13.37 -13.49
CA GLY A 317 5.69 -12.25 -12.57
C GLY A 317 5.12 -12.71 -11.25
N TRP A 318 4.95 -11.78 -10.32
CA TRP A 318 4.37 -12.10 -9.02
C TRP A 318 3.72 -10.83 -8.48
N ASN A 319 2.54 -10.99 -7.90
CA ASN A 319 1.75 -9.88 -7.34
C ASN A 319 1.70 -9.82 -5.82
N ALA A 320 1.45 -8.61 -5.33
CA ALA A 320 1.15 -8.41 -3.92
C ALA A 320 -0.36 -8.23 -4.00
N PHE A 321 -1.04 -8.40 -2.87
CA PHE A 321 -2.48 -8.17 -2.83
C PHE A 321 -2.77 -7.43 -1.53
N PHE A 322 -3.52 -6.33 -1.61
CA PHE A 322 -3.90 -5.57 -0.42
C PHE A 322 -5.14 -4.78 -0.76
N LEU A 323 -5.95 -4.50 0.26
CA LEU A 323 -7.19 -3.78 0.06
C LEU A 323 -7.13 -2.39 0.65
N ASP A 324 -6.06 -2.10 1.38
CA ASP A 324 -5.84 -0.76 1.90
C ASP A 324 -4.37 -0.61 2.24
N ASN A 325 -3.99 0.60 2.62
CA ASN A 325 -2.62 0.94 3.01
C ASN A 325 -2.64 2.39 3.49
N HIS A 326 -1.47 3.00 3.66
CA HIS A 326 -1.41 4.36 4.19
C HIS A 326 -1.81 5.46 3.20
N ASP A 327 -2.11 5.09 1.96
CA ASP A 327 -2.52 6.06 0.95
C ASP A 327 -3.97 5.88 0.52
N ASN A 328 -4.71 5.04 1.23
CA ASN A 328 -6.06 4.71 0.81
C ASN A 328 -6.98 4.50 2.00
N PRO A 329 -8.30 4.57 1.78
CA PRO A 329 -9.23 4.39 2.89
C PRO A 329 -9.17 2.97 3.45
N ARG A 330 -9.67 2.81 4.66
CA ARG A 330 -9.64 1.51 5.31
C ARG A 330 -10.42 0.47 4.54
N ALA A 331 -9.87 -0.73 4.47
CA ALA A 331 -10.51 -1.80 3.72
C ALA A 331 -11.96 -2.05 4.08
N VAL A 332 -12.29 -2.14 5.37
CA VAL A 332 -13.67 -2.43 5.70
C VAL A 332 -14.63 -1.33 5.26
N SER A 333 -14.19 -0.08 5.31
CA SER A 333 -15.03 1.02 4.89
C SER A 333 -15.19 1.06 3.36
N HIS A 334 -14.08 0.83 2.68
CA HIS A 334 -14.00 0.89 1.21
C HIS A 334 -14.70 -0.26 0.51
N PHE A 335 -14.33 -1.48 0.90
CA PHE A 335 -14.86 -2.67 0.23
C PHE A 335 -15.88 -3.47 1.02
N GLY A 336 -15.98 -3.18 2.31
CA GLY A 336 -16.95 -3.88 3.14
C GLY A 336 -18.07 -2.94 3.54
N ASP A 337 -18.62 -3.12 4.74
CA ASP A 337 -19.70 -2.22 5.24
C ASP A 337 -19.32 -1.91 6.68
N ASP A 338 -18.91 -0.67 6.93
CA ASP A 338 -18.43 -0.32 8.25
C ASP A 338 -19.45 0.07 9.29
N ARG A 339 -20.73 -0.11 8.96
CA ARG A 339 -21.80 0.19 9.92
C ARG A 339 -21.67 -0.85 11.03
N PRO A 340 -22.07 -0.48 12.26
CA PRO A 340 -21.96 -1.42 13.37
C PRO A 340 -22.46 -2.84 13.17
N GLN A 341 -23.56 -3.00 12.43
CA GLN A 341 -24.12 -4.34 12.21
C GLN A 341 -23.31 -5.20 11.24
N TRP A 342 -22.51 -4.56 10.38
CA TRP A 342 -21.81 -5.30 9.36
C TRP A 342 -20.30 -5.21 9.39
N ARG A 343 -19.76 -4.36 10.23
CA ARG A 343 -18.31 -4.18 10.27
C ARG A 343 -17.52 -5.46 10.52
N GLU A 344 -17.86 -6.19 11.57
CA GLU A 344 -17.11 -7.41 11.84
C GLU A 344 -17.33 -8.50 10.79
N PRO A 345 -18.59 -8.75 10.37
CA PRO A 345 -18.67 -9.83 9.36
C PRO A 345 -18.02 -9.46 8.04
N SER A 346 -18.17 -8.20 7.61
CA SER A 346 -17.57 -7.83 6.32
C SER A 346 -16.05 -7.78 6.43
N ALA A 347 -15.52 -7.35 7.58
CA ALA A 347 -14.08 -7.34 7.76
C ALA A 347 -13.54 -8.77 7.65
N LYS A 348 -14.25 -9.72 8.24
CA LYS A 348 -13.78 -11.10 8.16
C LYS A 348 -13.83 -11.61 6.73
N ALA A 349 -14.87 -11.21 5.99
CA ALA A 349 -15.00 -11.62 4.59
C ALA A 349 -13.83 -11.09 3.76
N LEU A 350 -13.44 -9.84 4.00
CA LEU A 350 -12.33 -9.29 3.24
C LEU A 350 -11.01 -9.96 3.65
N ALA A 351 -10.92 -10.37 4.90
CA ALA A 351 -9.72 -11.04 5.37
C ALA A 351 -9.61 -12.38 4.62
N THR A 352 -10.74 -13.07 4.47
CA THR A 352 -10.76 -14.36 3.79
C THR A 352 -10.24 -14.25 2.35
N LEU A 353 -10.77 -13.29 1.59
N LEU A 353 -10.75 -13.25 1.65
CA LEU A 353 -10.31 -13.18 0.21
CA LEU A 353 -10.35 -12.99 0.28
C LEU A 353 -8.86 -12.68 0.14
C LEU A 353 -8.87 -12.72 0.20
N THR A 354 -8.45 -11.81 1.06
CA THR A 354 -7.08 -11.33 1.07
C THR A 354 -6.04 -12.42 1.27
N LEU A 355 -6.29 -13.27 2.26
CA LEU A 355 -5.35 -14.31 2.58
C LEU A 355 -5.41 -15.53 1.67
N THR A 356 -6.27 -15.50 0.64
CA THR A 356 -6.37 -16.64 -0.26
C THR A 356 -6.18 -16.28 -1.73
N GLN A 357 -5.42 -15.22 -1.98
CA GLN A 357 -5.13 -14.79 -3.35
C GLN A 357 -3.78 -15.38 -3.77
N ARG A 358 -3.56 -15.51 -5.09
CA ARG A 358 -2.29 -16.04 -5.61
C ARG A 358 -1.38 -14.83 -5.66
N ALA A 359 -0.93 -14.42 -4.48
CA ALA A 359 -0.13 -13.20 -4.37
C ALA A 359 0.37 -13.11 -2.95
N THR A 360 1.30 -12.21 -2.71
CA THR A 360 1.81 -12.01 -1.36
C THR A 360 0.83 -11.08 -0.67
N PRO A 361 0.19 -11.51 0.41
CA PRO A 361 -0.74 -10.57 1.04
C PRO A 361 -0.08 -9.56 1.95
N PHE A 362 -0.57 -8.32 1.91
CA PHE A 362 -0.07 -7.26 2.79
C PHE A 362 -1.22 -6.79 3.66
N ILE A 363 -1.08 -6.96 4.97
CA ILE A 363 -2.11 -6.54 5.93
C ILE A 363 -1.66 -5.20 6.48
N TYR A 364 -2.51 -4.18 6.37
CA TYR A 364 -2.17 -2.85 6.86
C TYR A 364 -2.51 -2.69 8.34
N GLN A 365 -1.59 -2.10 9.11
CA GLN A 365 -1.80 -1.95 10.55
C GLN A 365 -3.19 -1.53 10.97
N GLY A 366 -3.83 -2.35 11.81
CA GLY A 366 -5.14 -2.01 12.31
C GLY A 366 -6.28 -2.63 11.52
N SER A 367 -6.03 -3.06 10.29
CA SER A 367 -7.14 -3.65 9.56
C SER A 367 -7.41 -5.07 10.06
N GLU A 368 -6.45 -5.64 10.79
CA GLU A 368 -6.70 -6.97 11.39
C GLU A 368 -7.71 -6.80 12.55
N LEU A 369 -8.03 -5.56 12.92
CA LEU A 369 -9.01 -5.28 13.99
C LEU A 369 -10.31 -4.79 13.40
N GLY A 370 -10.33 -4.52 12.10
CA GLY A 370 -11.53 -3.96 11.53
C GLY A 370 -11.60 -2.43 11.72
N MET A 371 -10.45 -1.76 11.85
CA MET A 371 -10.48 -0.30 12.00
C MET A 371 -11.14 0.28 10.76
N THR A 372 -11.81 1.42 10.95
CA THR A 372 -12.58 2.04 9.89
C THR A 372 -12.08 3.43 9.54
N ASN A 373 -12.70 4.01 8.52
CA ASN A 373 -12.41 5.39 8.13
C ASN A 373 -12.69 6.25 9.36
N TYR A 374 -12.13 7.46 9.35
CA TYR A 374 -12.29 8.42 10.45
C TYR A 374 -13.42 9.38 10.06
N PRO A 375 -14.26 9.78 11.02
CA PRO A 375 -15.38 10.68 10.71
C PRO A 375 -15.05 12.16 10.49
N PHE A 376 -14.28 12.45 9.45
CA PHE A 376 -13.90 13.84 9.14
C PHE A 376 -15.13 14.68 8.80
N LYS A 377 -15.20 15.91 9.31
CA LYS A 377 -16.29 16.79 8.98
C LYS A 377 -15.78 18.00 8.20
N ALA A 378 -14.83 18.74 8.77
CA ALA A 378 -14.34 19.95 8.11
C ALA A 378 -12.96 19.77 7.48
N ILE A 379 -12.65 20.61 6.49
CA ILE A 379 -11.38 20.54 5.81
C ILE A 379 -10.18 20.71 6.73
N ASP A 380 -10.31 21.48 7.81
CA ASP A 380 -9.15 21.66 8.69
C ASP A 380 -8.77 20.45 9.53
N GLU A 381 -9.58 19.38 9.47
CA GLU A 381 -9.28 18.17 10.23
C GLU A 381 -8.27 17.26 9.53
N PHE A 382 -7.96 17.55 8.27
CA PHE A 382 -7.02 16.71 7.51
C PHE A 382 -5.58 17.18 7.65
N ASP A 383 -4.66 16.23 7.69
CA ASP A 383 -3.24 16.52 7.76
C ASP A 383 -2.66 16.37 6.36
N ASP A 384 -3.29 15.50 5.59
CA ASP A 384 -2.73 15.17 4.30
C ASP A 384 -2.52 16.22 3.24
N ILE A 385 -1.27 16.40 2.86
CA ILE A 385 -0.91 17.37 1.83
C ILE A 385 -1.60 17.11 0.50
N GLU A 386 -1.92 15.86 0.21
CA GLU A 386 -2.61 15.55 -1.03
C GLU A 386 -4.03 16.13 -1.06
N VAL A 387 -4.79 15.95 0.02
N VAL A 387 -4.77 15.99 0.04
CA VAL A 387 -6.15 16.46 0.04
CA VAL A 387 -6.11 16.55 0.09
C VAL A 387 -6.10 17.99 0.02
C VAL A 387 -6.01 18.07 0.08
N LYS A 388 -5.11 18.58 0.68
N LYS A 388 -4.99 18.61 0.75
CA LYS A 388 -4.98 20.04 0.69
CA LYS A 388 -4.80 20.07 0.78
C LYS A 388 -4.72 20.51 -0.74
C LYS A 388 -4.55 20.59 -0.64
N GLY A 389 -3.85 19.79 -1.45
CA GLY A 389 -3.59 20.17 -2.84
C GLY A 389 -4.84 20.10 -3.71
N PHE A 390 -5.66 19.06 -3.50
CA PHE A 390 -6.88 18.89 -4.29
C PHE A 390 -7.84 20.01 -3.90
N TRP A 391 -7.86 20.35 -2.62
CA TRP A 391 -8.73 21.42 -2.14
C TRP A 391 -8.35 22.73 -2.82
N HIS A 392 -7.06 23.00 -2.88
CA HIS A 392 -6.63 24.24 -3.53
C HIS A 392 -6.97 24.24 -5.00
N ASP A 393 -6.70 23.14 -5.69
CA ASP A 393 -6.94 23.07 -7.12
C ASP A 393 -8.40 23.03 -7.54
N TYR A 394 -9.25 22.43 -6.72
CA TYR A 394 -10.64 22.25 -7.10
C TYR A 394 -11.69 23.05 -6.37
N VAL A 395 -11.47 23.32 -5.09
CA VAL A 395 -12.45 24.06 -4.31
C VAL A 395 -12.12 25.54 -4.22
N GLU A 396 -10.86 25.86 -3.97
CA GLU A 396 -10.49 27.27 -3.86
C GLU A 396 -10.58 28.02 -5.18
N THR A 397 -10.61 27.27 -6.27
CA THR A 397 -10.74 27.83 -7.61
C THR A 397 -12.22 27.90 -8.00
N GLY A 398 -13.10 27.41 -7.12
CA GLY A 398 -14.52 27.44 -7.43
C GLY A 398 -15.01 26.36 -8.39
N LYS A 399 -14.14 25.42 -8.76
CA LYS A 399 -14.56 24.36 -9.69
C LYS A 399 -15.55 23.38 -9.11
N VAL A 400 -15.37 23.07 -7.82
CA VAL A 400 -16.21 22.13 -7.10
C VAL A 400 -16.61 22.74 -5.76
N LYS A 401 -17.87 22.57 -5.37
CA LYS A 401 -18.33 23.09 -4.10
C LYS A 401 -17.68 22.34 -2.93
N ALA A 402 -17.37 23.06 -1.87
CA ALA A 402 -16.75 22.47 -0.70
C ALA A 402 -17.49 21.25 -0.16
N ASP A 403 -18.82 21.31 -0.07
CA ASP A 403 -19.53 20.18 0.48
C ASP A 403 -19.41 18.91 -0.36
N GLU A 404 -19.52 19.03 -1.67
CA GLU A 404 -19.39 17.86 -2.53
C GLU A 404 -17.95 17.31 -2.43
N PHE A 405 -16.98 18.22 -2.36
CA PHE A 405 -15.59 17.79 -2.24
C PHE A 405 -15.41 17.00 -0.94
N LEU A 406 -15.90 17.56 0.16
CA LEU A 406 -15.73 16.88 1.44
C LEU A 406 -16.45 15.54 1.46
N GLN A 407 -17.61 15.46 0.81
CA GLN A 407 -18.35 14.20 0.76
C GLN A 407 -17.46 13.13 0.18
N ASN A 408 -16.71 13.50 -0.86
CA ASN A 408 -15.81 12.56 -1.50
C ASN A 408 -14.51 12.27 -0.74
N VAL A 409 -13.79 13.30 -0.29
CA VAL A 409 -12.53 13.02 0.37
C VAL A 409 -12.67 12.35 1.74
N ARG A 410 -13.86 12.46 2.35
CA ARG A 410 -14.08 11.76 3.60
C ARG A 410 -13.94 10.27 3.32
N LEU A 411 -14.33 9.89 2.11
CA LEU A 411 -14.31 8.48 1.69
C LEU A 411 -13.02 8.04 1.03
N THR A 412 -12.24 8.99 0.55
CA THR A 412 -11.03 8.64 -0.19
C THR A 412 -9.70 9.08 0.40
N SER A 413 -9.72 9.99 1.38
CA SER A 413 -8.47 10.50 1.90
C SER A 413 -7.53 9.51 2.53
N ARG A 414 -6.23 9.72 2.28
CA ARG A 414 -5.17 8.88 2.85
C ARG A 414 -5.22 8.93 4.36
N ASP A 415 -5.70 10.04 4.91
CA ASP A 415 -5.70 10.20 6.37
C ASP A 415 -6.60 9.19 7.07
N ASN A 416 -7.55 8.63 6.35
CA ASN A 416 -8.41 7.62 6.95
C ASN A 416 -7.61 6.44 7.50
N SER A 417 -6.42 6.21 6.94
N SER A 417 -6.43 6.20 6.94
CA SER A 417 -5.60 5.08 7.38
CA SER A 417 -5.62 5.08 7.41
C SER A 417 -4.45 5.50 8.28
C SER A 417 -4.43 5.50 8.25
N ARG A 418 -4.35 6.79 8.57
CA ARG A 418 -3.24 7.30 9.37
C ARG A 418 -3.59 7.67 10.81
N THR A 419 -4.82 7.39 11.23
CA THR A 419 -5.16 7.68 12.63
C THR A 419 -4.44 6.64 13.49
N PRO A 420 -4.07 7.00 14.73
CA PRO A 420 -3.35 6.06 15.60
C PRO A 420 -3.95 4.68 15.78
N PHE A 421 -3.08 3.68 15.79
CA PHE A 421 -3.48 2.29 16.00
C PHE A 421 -4.20 2.19 17.36
N GLN A 422 -5.31 1.45 17.36
CA GLN A 422 -6.16 1.31 18.55
C GLN A 422 -5.80 0.10 19.37
N TRP A 423 -4.91 0.32 20.33
CA TRP A 423 -4.40 -0.76 21.15
C TRP A 423 -5.32 -1.25 22.23
N ASP A 424 -5.96 -0.33 22.93
CA ASP A 424 -6.88 -0.71 23.98
C ASP A 424 -7.93 0.37 24.21
N GLY A 425 -8.70 0.24 25.30
CA GLY A 425 -9.75 1.20 25.58
C GLY A 425 -9.37 2.34 26.51
N SER A 426 -8.09 2.51 26.78
CA SER A 426 -7.61 3.60 27.66
C SER A 426 -7.50 4.90 26.87
N LYS A 427 -7.15 5.99 27.56
CA LYS A 427 -7.03 7.27 26.87
C LYS A 427 -6.21 7.16 25.57
N ASN A 428 -6.74 7.72 24.50
CA ASN A 428 -6.07 7.70 23.19
C ASN A 428 -5.74 6.28 22.74
N ALA A 429 -6.61 5.36 23.13
CA ALA A 429 -6.48 3.94 22.78
C ALA A 429 -5.14 3.32 23.11
N GLY A 430 -4.45 3.84 24.13
CA GLY A 430 -3.18 3.25 24.50
C GLY A 430 -2.04 3.47 23.52
N PHE A 431 -2.29 4.29 22.49
CA PHE A 431 -1.27 4.59 21.50
C PHE A 431 -0.14 5.45 22.07
N THR A 432 -0.48 6.38 22.96
CA THR A 432 0.54 7.27 23.52
C THR A 432 0.13 7.72 24.92
N SER A 433 1.12 8.14 25.70
CA SER A 433 0.85 8.65 27.04
C SER A 433 0.65 10.16 26.91
N GLY A 434 0.91 10.69 25.71
CA GLY A 434 0.74 12.12 25.49
C GLY A 434 -0.46 12.48 24.64
N LYS A 435 -0.26 13.44 23.73
CA LYS A 435 -1.33 13.89 22.84
C LYS A 435 -0.95 13.35 21.46
N PRO A 436 -1.81 12.51 20.86
CA PRO A 436 -1.52 11.95 19.53
C PRO A 436 -1.27 13.02 18.48
N TRP A 437 -0.37 12.76 17.55
CA TRP A 437 -0.09 13.73 16.49
C TRP A 437 -1.31 13.94 15.59
N PHE A 438 -2.15 12.92 15.50
CA PHE A 438 -3.38 12.95 14.68
C PHE A 438 -4.43 12.31 15.58
N LYS A 439 -5.64 12.86 15.61
CA LYS A 439 -6.66 12.33 16.51
C LYS A 439 -7.05 10.88 16.32
N VAL A 440 -7.26 10.20 17.43
CA VAL A 440 -7.70 8.80 17.44
C VAL A 440 -9.19 8.73 17.10
N ASN A 441 -9.59 7.72 16.33
CA ASN A 441 -10.99 7.54 15.96
C ASN A 441 -11.77 7.25 17.24
N PRO A 442 -12.88 7.97 17.47
CA PRO A 442 -13.69 7.74 18.67
C PRO A 442 -14.17 6.31 18.81
N ASN A 443 -14.16 5.52 17.74
CA ASN A 443 -14.62 4.16 17.87
C ASN A 443 -13.61 3.22 18.53
N TYR A 444 -12.50 3.76 19.05
CA TYR A 444 -11.52 2.91 19.69
C TYR A 444 -12.07 2.22 20.92
N GLN A 445 -13.14 2.75 21.50
CA GLN A 445 -13.67 2.10 22.70
C GLN A 445 -14.36 0.80 22.31
N GLU A 446 -14.76 0.69 21.05
CA GLU A 446 -15.41 -0.51 20.55
C GLU A 446 -14.44 -1.38 19.77
N ILE A 447 -13.46 -0.75 19.14
CA ILE A 447 -12.49 -1.46 18.29
C ILE A 447 -11.06 -1.30 18.78
N ASN A 448 -10.51 -2.31 19.45
CA ASN A 448 -9.12 -2.21 19.91
C ASN A 448 -8.52 -3.60 20.07
N ALA A 449 -7.19 -3.66 20.00
CA ALA A 449 -6.47 -4.93 20.04
C ALA A 449 -6.64 -5.73 21.32
N VAL A 450 -6.55 -5.07 22.45
CA VAL A 450 -6.69 -5.81 23.71
C VAL A 450 -8.03 -6.53 23.81
N SER A 451 -9.09 -5.85 23.39
CA SER A 451 -10.43 -6.42 23.44
C SER A 451 -10.53 -7.65 22.54
N GLN A 452 -9.81 -7.62 21.42
CA GLN A 452 -9.91 -8.70 20.46
C GLN A 452 -8.99 -9.89 20.61
N VAL A 453 -7.78 -9.69 21.12
CA VAL A 453 -6.84 -10.82 21.17
C VAL A 453 -7.31 -11.97 22.03
N THR A 454 -8.14 -11.70 23.04
CA THR A 454 -8.60 -12.78 23.89
C THR A 454 -9.97 -13.32 23.54
N GLN A 455 -10.59 -12.78 22.49
CA GLN A 455 -11.90 -13.23 22.07
C GLN A 455 -11.75 -14.13 20.85
N PRO A 456 -12.02 -15.45 20.99
CA PRO A 456 -11.88 -16.35 19.85
C PRO A 456 -12.62 -15.98 18.57
N ASP A 457 -13.73 -15.25 18.68
CA ASP A 457 -14.53 -14.85 17.50
C ASP A 457 -14.21 -13.44 17.00
N SER A 458 -13.10 -12.88 17.43
CA SER A 458 -12.78 -11.51 17.01
C SER A 458 -12.25 -11.44 15.58
N VAL A 459 -12.24 -10.22 15.05
CA VAL A 459 -11.67 -10.02 13.71
C VAL A 459 -10.19 -10.40 13.78
N PHE A 460 -9.49 -9.96 14.84
CA PHE A 460 -8.08 -10.28 14.99
C PHE A 460 -7.85 -11.79 14.93
N ASN A 461 -8.65 -12.54 15.68
CA ASN A 461 -8.44 -13.98 15.68
C ASN A 461 -8.91 -14.68 14.41
N TYR A 462 -9.70 -13.98 13.59
CA TYR A 462 -10.13 -14.58 12.33
C TYR A 462 -8.92 -14.43 11.39
N TYR A 463 -8.28 -13.27 11.41
CA TYR A 463 -7.09 -13.08 10.60
C TYR A 463 -6.03 -14.10 11.05
N ARG A 464 -5.89 -14.28 12.37
CA ARG A 464 -4.90 -15.22 12.88
C ARG A 464 -5.17 -16.64 12.34
N GLN A 465 -6.44 -17.06 12.36
CA GLN A 465 -6.78 -18.38 11.85
C GLN A 465 -6.49 -18.51 10.36
N LEU A 466 -6.84 -17.46 9.60
CA LEU A 466 -6.62 -17.48 8.16
C LEU A 466 -5.12 -17.50 7.81
N ILE A 467 -4.30 -16.81 8.60
CA ILE A 467 -2.88 -16.77 8.33
C ILE A 467 -2.32 -18.18 8.58
N LYS A 468 -2.82 -18.87 9.60
CA LYS A 468 -2.33 -20.22 9.86
C LYS A 468 -2.75 -21.13 8.72
N ILE A 469 -4.00 -20.99 8.27
CA ILE A 469 -4.51 -21.81 7.18
C ILE A 469 -3.68 -21.59 5.92
N ARG A 470 -3.37 -20.33 5.62
CA ARG A 470 -2.56 -20.08 4.44
C ARG A 470 -1.17 -20.72 4.60
N HIS A 471 -0.59 -20.59 5.78
CA HIS A 471 0.73 -21.17 6.02
C HIS A 471 0.70 -22.69 5.88
N ASP A 472 -0.44 -23.29 6.21
CA ASP A 472 -0.58 -24.76 6.18
C ASP A 472 -0.94 -25.37 4.84
N ILE A 473 -1.51 -24.57 3.93
CA ILE A 473 -1.97 -25.10 2.66
C ILE A 473 -1.28 -24.46 1.45
N PRO A 474 -0.34 -25.18 0.84
CA PRO A 474 0.40 -24.67 -0.33
C PRO A 474 -0.47 -24.11 -1.47
N ALA A 475 -1.62 -24.74 -1.71
CA ALA A 475 -2.49 -24.30 -2.81
C ALA A 475 -2.96 -22.87 -2.58
N LEU A 476 -3.04 -22.43 -1.33
CA LEU A 476 -3.53 -21.08 -1.09
C LEU A 476 -2.46 -20.02 -1.43
N THR A 477 -1.23 -20.46 -1.62
CA THR A 477 -0.20 -19.50 -2.05
C THR A 477 0.04 -19.65 -3.54
N TYR A 478 0.43 -20.85 -3.95
CA TYR A 478 0.80 -21.13 -5.33
C TYR A 478 -0.25 -21.65 -6.30
N GLY A 479 -1.41 -22.08 -5.78
CA GLY A 479 -2.42 -22.64 -6.63
C GLY A 479 -2.98 -21.72 -7.71
N THR A 480 -3.32 -22.29 -8.86
N THR A 480 -3.36 -22.32 -8.83
CA THR A 480 -3.90 -21.51 -9.94
CA THR A 480 -3.96 -21.60 -9.95
C THR A 480 -5.16 -20.86 -9.40
C THR A 480 -5.22 -20.89 -9.44
N TYR A 481 -5.44 -19.66 -9.88
CA TYR A 481 -6.61 -18.90 -9.45
C TYR A 481 -7.66 -18.96 -10.56
N THR A 482 -8.85 -19.44 -10.24
CA THR A 482 -9.91 -19.50 -11.24
C THR A 482 -11.19 -18.89 -10.71
N ASP A 483 -11.66 -17.82 -11.33
CA ASP A 483 -12.91 -17.19 -10.93
C ASP A 483 -14.07 -18.02 -11.53
N LEU A 484 -15.00 -18.47 -10.70
CA LEU A 484 -16.12 -19.27 -11.21
C LEU A 484 -17.13 -18.48 -12.08
N ASP A 485 -17.24 -17.17 -11.86
CA ASP A 485 -18.13 -16.35 -12.68
C ASP A 485 -17.82 -14.87 -12.54
N PRO A 486 -16.94 -14.36 -13.43
CA PRO A 486 -16.54 -12.95 -13.40
C PRO A 486 -17.68 -11.96 -13.52
N ALA A 487 -18.88 -12.41 -13.94
CA ALA A 487 -19.98 -11.47 -14.10
C ALA A 487 -20.98 -11.41 -12.97
N ASN A 488 -20.74 -12.20 -11.92
CA ASN A 488 -21.62 -12.29 -10.76
C ASN A 488 -21.34 -11.09 -9.85
N ASP A 489 -22.37 -10.29 -9.60
CA ASP A 489 -22.24 -9.09 -8.79
C ASP A 489 -22.61 -9.34 -7.33
N SER A 490 -22.92 -10.59 -6.98
CA SER A 490 -23.35 -10.87 -5.62
C SER A 490 -22.46 -11.80 -4.81
N VAL A 491 -22.08 -12.91 -5.43
CA VAL A 491 -21.27 -13.92 -4.76
C VAL A 491 -19.93 -14.01 -5.44
N TYR A 492 -18.86 -13.74 -4.70
CA TYR A 492 -17.51 -13.85 -5.23
C TYR A 492 -17.05 -15.27 -4.93
N ALA A 493 -16.74 -16.04 -5.96
CA ALA A 493 -16.33 -17.44 -5.75
C ALA A 493 -15.22 -17.78 -6.70
N TYR A 494 -14.18 -18.41 -6.17
CA TYR A 494 -13.03 -18.82 -6.98
C TYR A 494 -12.38 -20.04 -6.37
N THR A 495 -11.56 -20.70 -7.18
CA THR A 495 -10.85 -21.87 -6.68
C THR A 495 -9.36 -21.62 -6.72
N ARG A 496 -8.64 -22.33 -5.87
CA ARG A 496 -7.17 -22.26 -5.83
C ARG A 496 -6.79 -23.73 -5.99
N SER A 497 -6.03 -24.02 -7.04
CA SER A 497 -5.70 -25.42 -7.36
C SER A 497 -4.24 -25.75 -7.58
N LEU A 498 -3.81 -26.84 -6.95
CA LEU A 498 -2.44 -27.32 -7.11
C LEU A 498 -2.60 -28.83 -7.28
N GLY A 499 -2.56 -29.32 -8.51
CA GLY A 499 -2.74 -30.74 -8.74
C GLY A 499 -4.12 -31.17 -8.24
N ALA A 500 -4.19 -32.24 -7.47
CA ALA A 500 -5.46 -32.75 -6.96
C ALA A 500 -5.99 -31.99 -5.74
N GLU A 501 -5.20 -31.03 -5.25
CA GLU A 501 -5.59 -30.24 -4.09
C GLU A 501 -6.31 -29.01 -4.61
N LYS A 502 -7.63 -28.94 -4.42
CA LYS A 502 -8.40 -27.80 -4.90
C LYS A 502 -9.27 -27.24 -3.79
N TYR A 503 -9.20 -25.93 -3.62
CA TYR A 503 -9.97 -25.25 -2.61
C TYR A 503 -10.90 -24.24 -3.23
N LEU A 504 -12.04 -24.03 -2.59
CA LEU A 504 -13.03 -23.07 -3.07
C LEU A 504 -13.11 -21.95 -2.04
N VAL A 505 -13.18 -20.70 -2.48
CA VAL A 505 -13.33 -19.56 -1.56
C VAL A 505 -14.62 -18.88 -2.00
N VAL A 506 -15.48 -18.55 -1.04
CA VAL A 506 -16.75 -17.90 -1.37
C VAL A 506 -16.99 -16.73 -0.42
N VAL A 507 -17.49 -15.63 -0.95
CA VAL A 507 -17.83 -14.47 -0.14
C VAL A 507 -19.15 -13.92 -0.67
N ASN A 508 -20.14 -13.80 0.20
CA ASN A 508 -21.42 -13.23 -0.20
C ASN A 508 -21.30 -11.72 0.06
N PHE A 509 -21.19 -10.92 -0.99
CA PHE A 509 -21.07 -9.48 -0.84
C PHE A 509 -22.38 -8.77 -0.54
N LYS A 510 -23.48 -9.51 -0.57
N LYS A 510 -23.48 -9.51 -0.57
CA LYS A 510 -24.79 -8.91 -0.34
CA LYS A 510 -24.79 -8.94 -0.34
C LYS A 510 -25.24 -9.06 1.10
C LYS A 510 -25.23 -9.06 1.12
N GLU A 511 -26.11 -8.16 1.55
CA GLU A 511 -26.61 -8.20 2.92
C GLU A 511 -27.96 -8.91 3.02
N GLN A 512 -28.13 -9.90 2.14
CA GLN A 512 -29.32 -10.73 2.08
C GLN A 512 -28.82 -12.17 1.96
N MET A 513 -29.60 -13.14 2.43
CA MET A 513 -29.22 -14.53 2.28
C MET A 513 -29.18 -14.85 0.77
N MET A 514 -28.22 -15.67 0.37
CA MET A 514 -28.04 -16.04 -1.04
C MET A 514 -27.83 -17.54 -1.10
N ARG A 515 -28.39 -18.17 -2.12
CA ARG A 515 -28.17 -19.59 -2.31
C ARG A 515 -27.18 -19.59 -3.47
N TYR A 516 -26.19 -20.47 -3.42
CA TYR A 516 -25.25 -20.49 -4.51
C TYR A 516 -24.93 -21.93 -4.86
N LYS A 517 -25.34 -22.34 -6.06
CA LYS A 517 -25.08 -23.70 -6.56
C LYS A 517 -23.73 -23.72 -7.27
N LEU A 518 -22.84 -24.63 -6.87
CA LEU A 518 -21.53 -24.71 -7.52
C LEU A 518 -21.63 -25.18 -8.96
N PRO A 519 -20.73 -24.68 -9.81
CA PRO A 519 -20.78 -25.08 -11.21
C PRO A 519 -19.99 -26.35 -11.48
N ASP A 520 -20.09 -26.82 -12.71
CA ASP A 520 -19.34 -27.97 -13.19
C ASP A 520 -19.15 -29.15 -12.27
N ASN A 521 -20.25 -29.62 -11.70
CA ASN A 521 -20.20 -30.76 -10.79
C ASN A 521 -19.19 -30.69 -9.65
N LEU A 522 -18.82 -29.48 -9.25
CA LEU A 522 -17.91 -29.34 -8.12
C LEU A 522 -18.72 -29.65 -6.87
N SER A 523 -18.09 -30.25 -5.87
CA SER A 523 -18.79 -30.53 -4.62
C SER A 523 -17.77 -30.43 -3.51
N ILE A 524 -18.27 -30.20 -2.29
CA ILE A 524 -17.40 -29.99 -1.15
C ILE A 524 -17.02 -31.24 -0.38
N GLU A 525 -15.73 -31.35 -0.05
CA GLU A 525 -15.22 -32.46 0.75
C GLU A 525 -15.32 -32.00 2.22
N LYS A 526 -14.78 -30.83 2.52
CA LYS A 526 -14.87 -30.36 3.91
C LYS A 526 -14.70 -28.87 4.07
N VAL A 527 -15.25 -28.32 5.14
CA VAL A 527 -15.08 -26.91 5.41
C VAL A 527 -13.69 -26.71 6.00
N ILE A 528 -12.98 -25.70 5.54
CA ILE A 528 -11.67 -25.40 6.11
C ILE A 528 -11.90 -24.32 7.16
N ILE A 529 -12.66 -23.29 6.79
CA ILE A 529 -13.02 -22.23 7.73
C ILE A 529 -14.17 -21.45 7.17
N ASP A 530 -14.95 -20.82 8.03
CA ASP A 530 -16.00 -19.95 7.53
C ASP A 530 -16.30 -18.87 8.55
N SER A 531 -17.04 -17.86 8.11
CA SER A 531 -17.36 -16.71 8.97
C SER A 531 -18.76 -16.18 8.73
N ASN A 532 -19.39 -15.80 9.84
CA ASN A 532 -20.75 -15.26 9.85
C ASN A 532 -21.78 -16.29 9.42
N SER A 533 -21.49 -17.57 9.69
CA SER A 533 -22.44 -18.60 9.33
C SER A 533 -22.61 -19.71 10.34
N LYS A 534 -23.88 -20.07 10.54
CA LYS A 534 -24.24 -21.16 11.44
C LYS A 534 -24.74 -22.34 10.61
N ASN A 535 -24.95 -22.12 9.31
CA ASN A 535 -25.42 -23.17 8.41
C ASN A 535 -24.47 -24.37 8.30
N VAL A 536 -25.02 -25.57 8.34
CA VAL A 536 -24.24 -26.81 8.26
C VAL A 536 -23.89 -27.23 6.81
N VAL A 537 -22.61 -27.47 6.55
CA VAL A 537 -22.16 -27.89 5.22
C VAL A 537 -21.64 -29.30 5.34
N LYS A 538 -22.15 -30.21 4.52
CA LYS A 538 -21.68 -31.57 4.62
C LYS A 538 -21.04 -32.14 3.37
N LYS A 539 -20.35 -33.25 3.57
CA LYS A 539 -19.66 -33.97 2.52
C LYS A 539 -20.54 -34.06 1.28
N ASN A 540 -19.97 -33.68 0.15
CA ASN A 540 -20.62 -33.73 -1.15
C ASN A 540 -21.62 -32.65 -1.46
N ASP A 541 -21.82 -31.70 -0.57
CA ASP A 541 -22.75 -30.60 -0.87
C ASP A 541 -22.26 -29.84 -2.10
N SER A 542 -23.19 -29.39 -2.94
CA SER A 542 -22.81 -28.63 -4.12
C SER A 542 -23.60 -27.33 -4.12
N LEU A 543 -24.33 -27.08 -3.05
CA LEU A 543 -25.07 -25.84 -2.95
C LEU A 543 -24.88 -25.26 -1.56
N LEU A 544 -24.49 -23.99 -1.53
CA LEU A 544 -24.25 -23.29 -0.29
C LEU A 544 -25.36 -22.31 0.02
N GLU A 545 -25.80 -22.31 1.28
CA GLU A 545 -26.79 -21.33 1.69
C GLU A 545 -25.92 -20.29 2.42
N LEU A 546 -25.82 -19.10 1.84
CA LEU A 546 -24.95 -18.05 2.37
C LEU A 546 -25.68 -16.95 3.12
N LYS A 547 -25.29 -16.73 4.38
CA LYS A 547 -25.87 -15.65 5.15
C LYS A 547 -25.25 -14.34 4.64
N PRO A 548 -25.84 -13.20 5.00
CA PRO A 548 -25.29 -11.91 4.55
C PRO A 548 -23.81 -11.83 4.96
N TRP A 549 -22.96 -11.41 4.04
CA TRP A 549 -21.53 -11.28 4.29
C TRP A 549 -20.81 -12.55 4.71
N GLN A 550 -21.42 -13.69 4.49
CA GLN A 550 -20.75 -14.94 4.88
C GLN A 550 -19.56 -15.20 3.97
N SER A 551 -18.49 -15.78 4.53
CA SER A 551 -17.36 -16.13 3.70
C SER A 551 -16.87 -17.49 4.18
N GLY A 552 -16.14 -18.17 3.32
CA GLY A 552 -15.64 -19.48 3.72
C GLY A 552 -14.62 -20.02 2.76
N VAL A 553 -13.88 -21.02 3.23
CA VAL A 553 -12.88 -21.68 2.40
C VAL A 553 -13.25 -23.15 2.54
N TYR A 554 -13.33 -23.84 1.42
CA TYR A 554 -13.71 -25.26 1.43
C TYR A 554 -12.76 -26.09 0.60
N LYS A 555 -12.50 -27.32 1.03
CA LYS A 555 -11.68 -28.18 0.20
C LYS A 555 -12.68 -28.91 -0.68
N LEU A 556 -12.41 -28.98 -1.97
CA LEU A 556 -13.33 -29.64 -2.87
C LEU A 556 -12.97 -31.12 -3.12
N ASN A 557 -13.99 -31.91 -3.44
CA ASN A 557 -13.79 -33.32 -3.78
C ASN A 557 -13.00 -33.44 -5.08
N GLN A 558 -12.36 -34.59 -5.25
CA GLN A 558 -11.57 -34.94 -6.44
C GLN A 558 -10.14 -34.43 -6.39
#